data_1HXA
#
_entry.id   1HXA
#
_cell.length_a   125.650
_cell.length_b   125.650
_cell.length_c   119.950
_cell.angle_alpha   90.00
_cell.angle_beta   90.00
_cell.angle_gamma   90.00
#
_symmetry.space_group_name_H-M   'P 41 21 2'
#
loop_
_entity.id
_entity.type
_entity.pdbx_description
1 polymer '5-EPI-ARISTOLOCHENE SYNTHASE'
2 non-polymer 'MAGNESIUM ION'
3 non-polymer '1-HYDROXY-3,7,11-TRIMETHYLDODECA-2,6,10-TRIENE PHOSPHONIC ACID'
4 water water
#
_entity_poly.entity_id   1
_entity_poly.type   'polypeptide(L)'
_entity_poly.pdbx_seq_one_letter_code
;MASAAVANYEEEIVRPVADFSPSLWGDQFLSFSIDNQVAEKYAKEIEALKEQTRNMLLATGMKLADTLNLIDTIERLGIS
YHFEKEIDDILDQIYNQNSNCNDLCTSALQFRLLRQHGFNISPEIFSKFQDENGKFKESLASDVLGLLNLYEASHVRTHA
DDILEDALAFSTIHLESAAPHLKSPLREQVTHALEQCLHKGVPRVETRFFISSIYDKEQSKNNVLLRFAKLDFNLLQMLH
KQELAQVSRWWKDLDFVTTLPYARDRVVECYFSALGVYFEPQYSQARVMLVKTISMISIVDDTFDAYGTVKELEAYTDAI
QRWDINEIDRLPDYMKISYKAILDLYKDYEKELSSAGRSHIVCHAIERMKEVVRNYNVESTWFIEGYTPPVSEYLSNALA
TTTYYYLATTSYLGMKSATEQDFEWLSKNPKILEASVIICRVIDDTATYEVEKSRGQIATGIECCMRDYGISTKEAMAKF
QNMAETAWKDINEGLLRPTPVSTEFLTPILNLARIVEVTYIHNLDGYTHPEEVLKPHIINLLVDSIKI
;
_entity_poly.pdbx_strand_id   A
#
loop_
_chem_comp.id
_chem_comp.type
_chem_comp.name
_chem_comp.formula
FHP non-polymer '1-HYDROXY-3,7,11-TRIMETHYLDODECA-2,6,10-TRIENE PHOSPHONIC ACID' 'C15 H27 O4 P'
MG non-polymer 'MAGNESIUM ION' 'Mg 2'
#
# COMPACT_ATOMS: atom_id res chain seq x y z
N SER A 21 14.49 16.43 -11.36
CA SER A 21 15.54 16.54 -10.32
C SER A 21 16.28 15.22 -10.14
N PRO A 22 17.60 15.29 -9.85
CA PRO A 22 18.38 14.05 -9.67
C PRO A 22 18.03 13.46 -8.30
N SER A 23 18.38 12.21 -8.11
CA SER A 23 18.09 11.45 -6.87
C SER A 23 18.72 12.24 -5.69
N LEU A 24 17.94 12.51 -4.65
CA LEU A 24 18.45 13.26 -3.46
C LEU A 24 19.32 12.34 -2.58
N TRP A 25 19.20 11.03 -2.80
CA TRP A 25 19.91 10.04 -2.01
C TRP A 25 21.38 9.79 -2.36
N GLY A 26 21.75 10.00 -3.62
CA GLY A 26 23.13 9.78 -4.00
C GLY A 26 23.50 8.30 -3.97
N ASP A 27 24.72 8.00 -3.56
CA ASP A 27 25.20 6.61 -3.48
C ASP A 27 25.07 6.09 -2.06
N GLN A 28 24.22 6.77 -1.30
CA GLN A 28 23.97 6.44 0.10
C GLN A 28 23.54 4.99 0.37
N PHE A 29 22.75 4.42 -0.53
CA PHE A 29 22.28 3.05 -0.34
C PHE A 29 23.08 2.01 -1.11
N LEU A 30 23.98 2.47 -1.99
CA LEU A 30 24.80 1.57 -2.81
C LEU A 30 25.53 0.45 -2.10
N SER A 31 26.09 0.74 -0.92
CA SER A 31 26.84 -0.26 -0.19
C SER A 31 26.34 -0.53 1.21
N PHE A 32 26.05 -1.80 1.49
CA PHE A 32 25.63 -2.16 2.83
C PHE A 32 26.15 -3.52 3.23
N SER A 33 27.05 -3.50 4.21
CA SER A 33 27.66 -4.71 4.73
C SER A 33 26.97 -5.06 6.04
N ILE A 34 26.20 -6.14 6.03
CA ILE A 34 25.48 -6.60 7.21
C ILE A 34 26.45 -7.17 8.23
N ASP A 35 26.34 -6.74 9.49
CA ASP A 35 27.20 -7.26 10.54
C ASP A 35 26.61 -8.56 11.06
N ASN A 36 26.86 -9.63 10.31
CA ASN A 36 26.37 -10.97 10.64
C ASN A 36 26.42 -11.23 12.15
N GLN A 37 27.45 -10.69 12.78
CA GLN A 37 27.66 -10.81 14.21
C GLN A 37 26.47 -10.22 14.97
N VAL A 38 26.12 -8.97 14.64
CA VAL A 38 25.01 -8.29 15.28
C VAL A 38 23.67 -8.93 14.90
N ALA A 39 23.53 -9.26 13.63
CA ALA A 39 22.30 -9.87 13.13
C ALA A 39 22.02 -11.21 13.81
N GLU A 40 23.07 -11.98 14.09
CA GLU A 40 22.92 -13.27 14.75
C GLU A 40 22.49 -13.07 16.20
N LYS A 41 23.03 -12.01 16.83
CA LYS A 41 22.69 -11.68 18.21
C LYS A 41 21.20 -11.38 18.23
N TYR A 42 20.77 -10.47 17.38
CA TYR A 42 19.36 -10.08 17.27
C TYR A 42 18.47 -11.28 17.01
N ALA A 43 18.86 -12.09 16.03
CA ALA A 43 18.09 -13.28 15.68
C ALA A 43 17.91 -14.20 16.89
N LYS A 44 18.98 -14.44 17.63
CA LYS A 44 18.91 -15.31 18.79
C LYS A 44 18.00 -14.82 19.92
N GLU A 45 18.07 -13.54 20.29
CA GLU A 45 17.19 -13.07 21.35
C GLU A 45 15.75 -12.96 20.88
N ILE A 46 15.59 -12.61 19.60
CA ILE A 46 14.27 -12.48 19.00
C ILE A 46 13.56 -13.83 19.11
N GLU A 47 14.28 -14.90 18.82
CA GLU A 47 13.70 -16.24 18.87
C GLU A 47 13.16 -16.54 20.27
N ALA A 48 13.88 -16.12 21.30
CA ALA A 48 13.45 -16.32 22.67
C ALA A 48 12.26 -15.43 22.98
N LEU A 49 12.34 -14.16 22.58
CA LEU A 49 11.25 -13.20 22.82
C LEU A 49 10.00 -13.66 22.07
N LYS A 50 10.22 -14.30 20.93
CA LYS A 50 9.14 -14.80 20.09
C LYS A 50 8.31 -15.84 20.86
N GLU A 51 8.99 -16.75 21.56
CA GLU A 51 8.31 -17.78 22.33
C GLU A 51 7.60 -17.23 23.56
N GLN A 52 8.20 -16.23 24.21
CA GLN A 52 7.58 -15.62 25.38
C GLN A 52 6.26 -14.99 24.94
N THR A 53 6.30 -14.32 23.79
CA THR A 53 5.12 -13.67 23.24
C THR A 53 4.06 -14.70 22.84
N ARG A 54 4.51 -15.81 22.25
CA ARG A 54 3.59 -16.86 21.83
C ARG A 54 2.82 -17.35 23.07
N ASN A 55 3.54 -17.56 24.16
CA ASN A 55 2.88 -18.03 25.39
C ASN A 55 1.93 -17.00 25.98
N MET A 56 2.15 -15.72 25.66
CA MET A 56 1.26 -14.67 26.15
C MET A 56 -0.08 -14.84 25.41
N LEU A 57 0.00 -15.11 24.12
CA LEU A 57 -1.18 -15.31 23.30
C LEU A 57 -1.96 -16.57 23.71
N LEU A 58 -1.23 -17.65 23.97
CA LEU A 58 -1.83 -18.92 24.35
C LEU A 58 -2.21 -19.01 25.84
N ALA A 59 -2.23 -17.88 26.53
CA ALA A 59 -2.57 -17.88 27.95
C ALA A 59 -4.07 -18.01 28.15
N THR A 60 -4.46 -18.94 29.01
CA THR A 60 -5.86 -19.18 29.31
C THR A 60 -6.30 -18.25 30.43
N GLY A 61 -7.58 -17.89 30.45
CA GLY A 61 -8.10 -17.04 31.50
C GLY A 61 -7.98 -15.54 31.28
N MET A 62 -7.74 -15.12 30.05
CA MET A 62 -7.63 -13.70 29.76
C MET A 62 -9.01 -13.13 29.45
N LYS A 63 -9.25 -11.89 29.83
CA LYS A 63 -10.52 -11.25 29.53
C LYS A 63 -10.52 -10.91 28.04
N LEU A 64 -11.70 -10.70 27.48
CA LEU A 64 -11.80 -10.36 26.07
C LEU A 64 -11.05 -9.07 25.79
N ALA A 65 -11.28 -8.05 26.62
CA ALA A 65 -10.62 -6.76 26.43
C ALA A 65 -9.11 -6.90 26.43
N ASP A 66 -8.58 -7.72 27.33
CA ASP A 66 -7.14 -7.92 27.42
C ASP A 66 -6.59 -8.70 26.24
N THR A 67 -7.37 -9.63 25.72
CA THR A 67 -6.94 -10.44 24.60
C THR A 67 -6.91 -9.61 23.32
N LEU A 68 -7.93 -8.77 23.14
CA LEU A 68 -8.01 -7.91 21.98
C LEU A 68 -6.88 -6.88 22.01
N ASN A 69 -6.63 -6.29 23.18
CA ASN A 69 -5.57 -5.31 23.29
C ASN A 69 -4.20 -5.92 23.06
N LEU A 70 -4.05 -7.19 23.45
CA LEU A 70 -2.79 -7.89 23.24
C LEU A 70 -2.54 -8.05 21.74
N ILE A 71 -3.54 -8.57 21.03
CA ILE A 71 -3.41 -8.77 19.58
C ILE A 71 -3.22 -7.45 18.86
N ASP A 72 -3.98 -6.44 19.25
CA ASP A 72 -3.87 -5.12 18.64
C ASP A 72 -2.46 -4.54 18.80
N THR A 73 -1.86 -4.73 19.98
CA THR A 73 -0.52 -4.23 20.27
C THR A 73 0.55 -4.95 19.45
N ILE A 74 0.42 -6.26 19.32
CA ILE A 74 1.37 -7.05 18.56
C ILE A 74 1.31 -6.68 17.08
N GLU A 75 0.14 -6.33 16.58
CA GLU A 75 0.04 -5.94 15.17
C GLU A 75 0.65 -4.56 14.97
N ARG A 76 0.25 -3.59 15.79
CA ARG A 76 0.81 -2.24 15.67
C ARG A 76 2.33 -2.25 15.83
N LEU A 77 2.85 -3.18 16.64
CA LEU A 77 4.29 -3.29 16.83
C LEU A 77 4.97 -3.90 15.61
N GLY A 78 4.16 -4.39 14.66
CA GLY A 78 4.71 -4.96 13.44
C GLY A 78 5.31 -6.35 13.56
N ILE A 79 5.00 -7.06 14.64
CA ILE A 79 5.53 -8.41 14.85
C ILE A 79 4.46 -9.50 14.73
N SER A 80 3.24 -9.12 14.39
CA SER A 80 2.16 -10.10 14.29
C SER A 80 2.37 -11.16 13.20
N TYR A 81 3.22 -10.87 12.21
CA TYR A 81 3.48 -11.83 11.14
C TYR A 81 4.17 -13.10 11.66
N HIS A 82 4.56 -13.10 12.93
CA HIS A 82 5.20 -14.25 13.55
C HIS A 82 4.14 -15.18 14.16
N PHE A 83 2.94 -14.64 14.41
CA PHE A 83 1.88 -15.43 15.02
C PHE A 83 0.59 -15.41 14.24
N GLU A 84 0.67 -15.48 12.92
CA GLU A 84 -0.53 -15.43 12.08
C GLU A 84 -1.55 -16.52 12.45
N LYS A 85 -1.08 -17.70 12.84
CA LYS A 85 -2.00 -18.78 13.20
C LYS A 85 -2.61 -18.64 14.59
N GLU A 86 -1.80 -18.27 15.58
CA GLU A 86 -2.31 -18.10 16.94
C GLU A 86 -3.34 -16.98 16.98
N ILE A 87 -3.07 -15.91 16.25
CA ILE A 87 -3.98 -14.77 16.21
C ILE A 87 -5.26 -15.17 15.49
N ASP A 88 -5.13 -15.96 14.42
CA ASP A 88 -6.32 -16.38 13.68
C ASP A 88 -7.21 -17.25 14.58
N ASP A 89 -6.62 -18.26 15.21
CA ASP A 89 -7.37 -19.16 16.09
C ASP A 89 -8.11 -18.39 17.18
N ILE A 90 -7.46 -17.39 17.76
CA ILE A 90 -8.08 -16.60 18.82
C ILE A 90 -9.23 -15.73 18.31
N LEU A 91 -9.03 -15.07 17.17
CA LEU A 91 -10.08 -14.22 16.63
C LEU A 91 -11.25 -15.08 16.12
N ASP A 92 -10.93 -16.28 15.65
CA ASP A 92 -11.97 -17.19 15.17
C ASP A 92 -12.87 -17.49 16.36
N GLN A 93 -12.27 -17.94 17.46
CA GLN A 93 -13.02 -18.25 18.66
C GLN A 93 -13.87 -17.05 19.13
N ILE A 94 -13.28 -15.85 19.14
CA ILE A 94 -14.01 -14.65 19.55
C ILE A 94 -15.18 -14.39 18.61
N TYR A 95 -14.97 -14.68 17.33
CA TYR A 95 -15.99 -14.49 16.31
C TYR A 95 -17.15 -15.43 16.55
N ASN A 96 -16.82 -16.70 16.83
CA ASN A 96 -17.83 -17.71 17.09
C ASN A 96 -18.53 -17.60 18.44
N GLN A 97 -18.16 -16.62 19.25
CA GLN A 97 -18.82 -16.47 20.55
C GLN A 97 -19.71 -15.23 20.71
N ASN A 98 -19.41 -14.15 19.99
CA ASN A 98 -20.21 -12.91 20.06
C ASN A 98 -20.49 -12.45 21.49
N SER A 99 -20.14 -11.21 21.81
CA SER A 99 -20.37 -10.71 23.14
C SER A 99 -20.60 -9.22 23.27
N ASN A 100 -20.86 -8.82 24.50
CA ASN A 100 -21.11 -7.42 24.80
C ASN A 100 -20.14 -6.84 25.80
N CYS A 101 -18.88 -6.63 25.44
CA CYS A 101 -18.03 -5.96 26.41
C CYS A 101 -18.73 -4.64 26.24
N ASN A 102 -19.91 -4.57 26.85
CA ASN A 102 -20.84 -3.45 26.80
C ASN A 102 -20.27 -2.05 26.62
N ASP A 103 -18.97 -1.95 26.38
CA ASP A 103 -18.37 -0.64 26.17
C ASP A 103 -17.86 -0.45 24.75
N LEU A 104 -17.92 0.81 24.32
CA LEU A 104 -17.52 1.21 22.97
C LEU A 104 -16.11 0.78 22.60
N CYS A 105 -15.15 1.08 23.47
CA CYS A 105 -13.76 0.76 23.22
C CYS A 105 -13.49 -0.69 22.82
N THR A 106 -14.00 -1.63 23.61
CA THR A 106 -13.78 -3.05 23.32
C THR A 106 -14.59 -3.50 22.11
N SER A 107 -15.77 -2.92 21.94
CA SER A 107 -16.63 -3.29 20.82
C SER A 107 -16.07 -2.83 19.48
N ALA A 108 -15.65 -1.57 19.40
CA ALA A 108 -15.09 -1.03 18.17
C ALA A 108 -13.81 -1.75 17.78
N LEU A 109 -12.99 -2.06 18.77
CA LEU A 109 -11.73 -2.77 18.52
C LEU A 109 -12.03 -4.19 18.01
N GLN A 110 -12.93 -4.89 18.70
CA GLN A 110 -13.30 -6.24 18.30
C GLN A 110 -13.82 -6.24 16.86
N PHE A 111 -14.63 -5.25 16.54
CA PHE A 111 -15.21 -5.14 15.20
C PHE A 111 -14.08 -4.99 14.18
N ARG A 112 -13.20 -4.02 14.42
CA ARG A 112 -12.09 -3.75 13.51
C ARG A 112 -11.17 -4.96 13.28
N LEU A 113 -10.67 -5.55 14.37
CA LEU A 113 -9.77 -6.70 14.22
C LEU A 113 -10.42 -7.85 13.47
N LEU A 114 -11.68 -8.16 13.79
CA LEU A 114 -12.35 -9.26 13.09
C LEU A 114 -12.52 -8.94 11.60
N ARG A 115 -13.00 -7.74 11.30
CA ARG A 115 -13.18 -7.33 9.91
C ARG A 115 -11.89 -7.31 9.11
N GLN A 116 -10.79 -6.83 9.70
CA GLN A 116 -9.54 -6.78 8.97
C GLN A 116 -9.02 -8.19 8.72
N HIS A 117 -9.52 -9.15 9.51
CA HIS A 117 -9.10 -10.54 9.35
C HIS A 117 -10.07 -11.39 8.53
N GLY A 118 -11.06 -10.73 7.91
CA GLY A 118 -12.01 -11.45 7.09
C GLY A 118 -13.27 -11.97 7.76
N PHE A 119 -13.34 -11.89 9.10
CA PHE A 119 -14.53 -12.36 9.80
C PHE A 119 -15.63 -11.32 9.64
N ASN A 120 -16.75 -11.72 9.04
CA ASN A 120 -17.85 -10.78 8.85
C ASN A 120 -18.73 -10.65 10.09
N ILE A 121 -18.24 -9.92 11.07
CA ILE A 121 -19.00 -9.70 12.29
C ILE A 121 -20.03 -8.61 12.01
N SER A 122 -21.24 -8.80 12.53
CA SER A 122 -22.32 -7.84 12.32
C SER A 122 -22.03 -6.47 12.92
N PRO A 123 -22.46 -5.41 12.23
CA PRO A 123 -22.29 -4.02 12.64
C PRO A 123 -23.28 -3.66 13.74
N GLU A 124 -24.17 -4.60 14.08
CA GLU A 124 -25.16 -4.31 15.10
C GLU A 124 -24.62 -4.30 16.51
N ILE A 125 -23.34 -4.61 16.65
CA ILE A 125 -22.69 -4.59 17.95
C ILE A 125 -22.65 -3.12 18.39
N PHE A 126 -22.79 -2.20 17.43
CA PHE A 126 -22.79 -0.77 17.71
C PHE A 126 -24.17 -0.20 18.00
N SER A 127 -25.21 -1.03 17.89
CA SER A 127 -26.56 -0.56 18.14
C SER A 127 -26.76 -0.02 19.55
N LYS A 128 -26.22 -0.74 20.54
CA LYS A 128 -26.34 -0.33 21.93
C LYS A 128 -25.72 1.04 22.23
N PHE A 129 -24.89 1.54 21.33
CA PHE A 129 -24.24 2.85 21.54
C PHE A 129 -24.93 3.97 20.78
N GLN A 130 -26.01 3.65 20.07
CA GLN A 130 -26.72 4.68 19.30
C GLN A 130 -28.11 4.90 19.87
N ASP A 131 -28.70 6.04 19.53
CA ASP A 131 -30.04 6.33 20.01
C ASP A 131 -31.06 5.64 19.12
N GLU A 132 -32.33 5.88 19.40
CA GLU A 132 -33.43 5.31 18.64
C GLU A 132 -33.42 5.81 17.19
N ASN A 133 -32.77 6.95 16.98
CA ASN A 133 -32.69 7.57 15.65
C ASN A 133 -31.47 7.19 14.83
N GLY A 134 -30.74 6.16 15.27
CA GLY A 134 -29.57 5.70 14.54
C GLY A 134 -28.25 6.39 14.79
N LYS A 135 -28.27 7.58 15.41
CA LYS A 135 -27.04 8.31 15.70
C LYS A 135 -26.38 7.90 17.01
N PHE A 136 -25.06 8.04 17.07
CA PHE A 136 -24.31 7.70 18.27
C PHE A 136 -24.64 8.65 19.42
N LYS A 137 -24.80 8.11 20.62
CA LYS A 137 -25.11 8.91 21.79
C LYS A 137 -24.02 9.95 22.03
N GLU A 138 -24.40 11.23 22.06
CA GLU A 138 -23.45 12.30 22.30
C GLU A 138 -22.80 12.16 23.67
N SER A 139 -23.42 11.37 24.53
CA SER A 139 -22.90 11.14 25.87
C SER A 139 -21.61 10.30 25.89
N LEU A 140 -21.15 9.88 24.72
CA LEU A 140 -19.92 9.07 24.62
C LEU A 140 -18.75 9.98 24.27
N ALA A 141 -19.04 11.25 24.02
CA ALA A 141 -18.04 12.23 23.64
C ALA A 141 -16.93 12.44 24.68
N SER A 142 -17.07 11.81 25.84
CA SER A 142 -16.06 11.96 26.88
C SER A 142 -15.26 10.66 27.09
N ASP A 143 -15.50 9.65 26.26
CA ASP A 143 -14.79 8.38 26.34
C ASP A 143 -13.79 8.37 25.18
N VAL A 144 -12.64 8.99 25.40
CA VAL A 144 -11.61 9.11 24.37
C VAL A 144 -11.09 7.76 23.80
N LEU A 145 -10.91 6.76 24.65
CA LEU A 145 -10.41 5.49 24.15
C LEU A 145 -11.48 4.82 23.29
N GLY A 146 -12.75 5.08 23.62
CA GLY A 146 -13.83 4.51 22.84
C GLY A 146 -13.90 5.23 21.49
N LEU A 147 -13.79 6.55 21.52
CA LEU A 147 -13.81 7.35 20.30
C LEU A 147 -12.65 7.00 19.36
N LEU A 148 -11.48 6.73 19.93
CA LEU A 148 -10.34 6.41 19.10
C LEU A 148 -10.54 5.07 18.38
N ASN A 149 -11.02 4.06 19.10
CA ASN A 149 -11.24 2.77 18.47
C ASN A 149 -12.41 2.81 17.49
N LEU A 150 -13.39 3.67 17.76
CA LEU A 150 -14.53 3.78 16.86
C LEU A 150 -14.01 4.42 15.58
N TYR A 151 -13.14 5.42 15.75
CA TYR A 151 -12.53 6.14 14.65
C TYR A 151 -11.77 5.18 13.75
N GLU A 152 -10.91 4.37 14.35
CA GLU A 152 -10.13 3.42 13.57
C GLU A 152 -11.05 2.38 12.92
N ALA A 153 -12.13 2.01 13.59
CA ALA A 153 -13.07 1.05 13.05
C ALA A 153 -13.90 1.61 11.90
N SER A 154 -14.28 2.89 11.99
CA SER A 154 -15.07 3.49 10.94
C SER A 154 -14.43 3.37 9.55
N HIS A 155 -13.12 3.18 9.53
CA HIS A 155 -12.42 3.08 8.24
C HIS A 155 -12.43 1.69 7.59
N VAL A 156 -12.92 0.68 8.30
CA VAL A 156 -12.97 -0.66 7.72
C VAL A 156 -14.40 -1.04 7.36
N ARG A 157 -15.29 -0.05 7.27
CA ARG A 157 -16.68 -0.34 6.96
C ARG A 157 -16.92 -0.69 5.49
N THR A 158 -17.99 -1.46 5.25
CA THR A 158 -18.40 -1.89 3.91
C THR A 158 -19.71 -1.18 3.53
N HIS A 159 -20.28 -1.55 2.38
CA HIS A 159 -21.53 -0.96 1.91
C HIS A 159 -22.74 -1.37 2.76
N ALA A 160 -22.57 -2.39 3.59
CA ALA A 160 -23.64 -2.90 4.44
C ALA A 160 -23.59 -2.33 5.85
N ASP A 161 -22.61 -1.49 6.13
CA ASP A 161 -22.46 -0.92 7.47
C ASP A 161 -22.96 0.51 7.57
N ASP A 162 -24.23 0.73 7.20
CA ASP A 162 -24.83 2.06 7.26
C ASP A 162 -24.98 2.53 8.70
N ILE A 163 -24.90 1.58 9.63
CA ILE A 163 -25.02 1.88 11.04
C ILE A 163 -23.83 2.78 11.41
N LEU A 164 -22.69 2.53 10.75
CA LEU A 164 -21.47 3.30 10.99
C LEU A 164 -21.34 4.51 10.08
N GLU A 165 -22.44 4.89 9.43
CA GLU A 165 -22.41 6.02 8.52
C GLU A 165 -21.88 7.32 9.12
N ASP A 166 -22.18 7.55 10.40
CA ASP A 166 -21.72 8.77 11.06
C ASP A 166 -20.55 8.58 12.03
N ALA A 167 -20.10 7.34 12.19
CA ALA A 167 -19.00 7.04 13.10
C ALA A 167 -17.80 7.95 12.89
N LEU A 168 -17.33 8.07 11.65
CA LEU A 168 -16.17 8.89 11.33
C LEU A 168 -16.29 10.35 11.75
N ALA A 169 -17.33 11.03 11.30
CA ALA A 169 -17.52 12.45 11.64
C ALA A 169 -17.69 12.64 13.15
N PHE A 170 -18.47 11.76 13.76
CA PHE A 170 -18.72 11.82 15.19
C PHE A 170 -17.42 11.70 16.01
N SER A 171 -16.70 10.61 15.83
CA SER A 171 -15.46 10.38 16.57
C SER A 171 -14.40 11.43 16.24
N THR A 172 -14.39 11.90 15.01
CA THR A 172 -13.40 12.89 14.59
C THR A 172 -13.55 14.23 15.32
N ILE A 173 -14.76 14.80 15.31
CA ILE A 173 -14.96 16.09 15.97
C ILE A 173 -14.64 16.05 17.45
N HIS A 174 -15.02 14.99 18.13
CA HIS A 174 -14.76 14.89 19.56
C HIS A 174 -13.30 14.57 19.85
N LEU A 175 -12.65 13.82 18.96
CA LEU A 175 -11.25 13.52 19.19
C LEU A 175 -10.45 14.81 18.99
N GLU A 176 -10.83 15.62 18.00
CA GLU A 176 -10.11 16.87 17.77
C GLU A 176 -10.27 17.77 18.98
N SER A 177 -11.47 17.77 19.56
CA SER A 177 -11.76 18.61 20.69
C SER A 177 -11.02 18.18 21.95
N ALA A 178 -10.85 16.88 22.15
CA ALA A 178 -10.17 16.37 23.33
C ALA A 178 -8.64 16.33 23.27
N ALA A 179 -8.11 16.03 22.09
CA ALA A 179 -6.67 15.88 21.87
C ALA A 179 -5.67 16.80 22.61
N PRO A 180 -5.86 18.12 22.54
CA PRO A 180 -4.96 19.08 23.20
C PRO A 180 -4.69 18.88 24.70
N HIS A 181 -5.64 18.29 25.42
CA HIS A 181 -5.47 18.13 26.86
C HIS A 181 -5.21 16.71 27.32
N LEU A 182 -4.94 15.81 26.39
CA LEU A 182 -4.69 14.43 26.76
C LEU A 182 -3.24 14.26 27.16
N LYS A 183 -2.96 13.22 27.94
CA LYS A 183 -1.61 12.93 28.37
C LYS A 183 -0.87 12.25 27.22
N SER A 184 0.46 12.24 27.28
CA SER A 184 1.28 11.61 26.27
C SER A 184 1.60 10.20 26.74
N PRO A 185 1.80 9.26 25.79
CA PRO A 185 1.76 9.45 24.34
C PRO A 185 0.37 9.40 23.69
N LEU A 186 -0.68 9.22 24.48
CA LEU A 186 -2.03 9.15 23.93
C LEU A 186 -2.36 10.35 23.03
N ARG A 187 -1.99 11.54 23.45
CA ARG A 187 -2.27 12.73 22.65
C ARG A 187 -1.63 12.57 21.26
N GLU A 188 -0.40 12.10 21.23
CA GLU A 188 0.31 11.94 19.97
C GLU A 188 -0.36 10.86 19.13
N GLN A 189 -0.86 9.81 19.78
CA GLN A 189 -1.53 8.74 19.07
C GLN A 189 -2.82 9.26 18.44
N VAL A 190 -3.59 10.05 19.19
CA VAL A 190 -4.84 10.60 18.69
C VAL A 190 -4.58 11.56 17.51
N THR A 191 -3.62 12.47 17.69
CA THR A 191 -3.28 13.42 16.65
C THR A 191 -2.80 12.74 15.36
N HIS A 192 -2.00 11.68 15.51
CA HIS A 192 -1.49 10.94 14.37
C HIS A 192 -2.66 10.24 13.68
N ALA A 193 -3.52 9.61 14.47
CA ALA A 193 -4.67 8.91 13.92
C ALA A 193 -5.55 9.84 13.08
N LEU A 194 -5.78 11.05 13.59
CA LEU A 194 -6.62 12.00 12.87
C LEU A 194 -5.99 12.38 11.55
N GLU A 195 -4.67 12.25 11.47
CA GLU A 195 -3.98 12.58 10.24
C GLU A 195 -3.81 11.34 9.35
N GLN A 196 -3.70 10.17 9.97
CA GLN A 196 -3.53 8.92 9.25
C GLN A 196 -4.13 7.77 10.03
N CYS A 197 -5.26 7.24 9.56
CA CYS A 197 -5.89 6.13 10.26
C CYS A 197 -5.01 4.91 10.04
N LEU A 198 -5.13 3.93 10.94
CA LEU A 198 -4.34 2.70 10.88
C LEU A 198 -4.64 1.82 9.66
N HIS A 199 -5.92 1.53 9.43
CA HIS A 199 -6.30 0.65 8.33
C HIS A 199 -5.78 1.08 6.95
N LYS A 200 -5.69 2.39 6.71
CA LYS A 200 -5.23 2.87 5.41
C LYS A 200 -3.77 3.33 5.33
N GLY A 201 -2.98 3.03 6.36
CA GLY A 201 -1.60 3.45 6.33
C GLY A 201 -0.70 2.31 5.85
N VAL A 202 0.53 2.63 5.46
CA VAL A 202 1.46 1.62 5.04
C VAL A 202 1.94 0.93 6.33
N PRO A 203 1.89 -0.41 6.39
CA PRO A 203 2.31 -1.13 7.58
C PRO A 203 3.66 -0.79 8.22
N ARG A 204 4.75 -0.77 7.45
CA ARG A 204 6.04 -0.43 8.04
C ARG A 204 6.08 0.98 8.59
N VAL A 205 5.36 1.90 7.94
CA VAL A 205 5.34 3.28 8.40
C VAL A 205 4.58 3.42 9.71
N GLU A 206 3.41 2.79 9.80
CA GLU A 206 2.64 2.87 11.02
C GLU A 206 3.37 2.16 12.16
N THR A 207 3.99 1.03 11.84
CA THR A 207 4.72 0.27 12.84
C THR A 207 5.88 1.08 13.42
N ARG A 208 6.60 1.79 12.54
CA ARG A 208 7.73 2.60 12.98
C ARG A 208 7.27 3.74 13.88
N PHE A 209 6.13 4.32 13.56
CA PHE A 209 5.59 5.41 14.36
C PHE A 209 5.15 4.89 15.71
N PHE A 210 4.37 3.80 15.70
CA PHE A 210 3.87 3.24 16.93
C PHE A 210 5.00 2.88 17.90
N ILE A 211 6.00 2.17 17.40
CA ILE A 211 7.11 1.76 18.26
C ILE A 211 7.88 2.91 18.93
N SER A 212 8.44 3.83 18.17
CA SER A 212 9.23 4.89 18.78
C SER A 212 8.52 6.13 19.29
N SER A 213 7.36 6.45 18.75
CA SER A 213 6.63 7.62 19.21
C SER A 213 5.57 7.30 20.26
N ILE A 214 5.04 6.08 20.23
CA ILE A 214 3.98 5.71 21.15
C ILE A 214 4.33 4.68 22.21
N TYR A 215 4.42 3.41 21.80
CA TYR A 215 4.69 2.34 22.74
C TYR A 215 5.94 2.51 23.58
N ASP A 216 7.00 3.02 22.97
CA ASP A 216 8.24 3.24 23.70
C ASP A 216 8.03 4.23 24.85
N LYS A 217 7.07 5.13 24.68
CA LYS A 217 6.78 6.15 25.69
C LYS A 217 5.56 5.82 26.53
N GLU A 218 5.03 4.62 26.35
CA GLU A 218 3.84 4.20 27.07
C GLU A 218 4.20 3.75 28.48
N GLN A 219 3.65 4.44 29.47
CA GLN A 219 3.92 4.13 30.87
C GLN A 219 3.64 2.66 31.20
N SER A 220 2.55 2.13 30.67
CA SER A 220 2.17 0.74 30.93
C SER A 220 2.70 -0.27 29.90
N LYS A 221 3.64 0.16 29.07
CA LYS A 221 4.19 -0.72 28.05
C LYS A 221 4.67 -2.05 28.60
N ASN A 222 4.66 -3.07 27.75
CA ASN A 222 5.15 -4.38 28.12
C ASN A 222 6.56 -4.40 27.53
N ASN A 223 7.55 -4.41 28.42
CA ASN A 223 8.95 -4.38 28.03
C ASN A 223 9.37 -5.53 27.11
N VAL A 224 8.76 -6.70 27.27
CA VAL A 224 9.10 -7.83 26.42
C VAL A 224 8.68 -7.53 24.98
N LEU A 225 7.43 -7.11 24.78
CA LEU A 225 6.93 -6.80 23.45
C LEU A 225 7.73 -5.67 22.80
N LEU A 226 8.01 -4.61 23.59
CA LEU A 226 8.77 -3.48 23.07
C LEU A 226 10.16 -3.92 22.58
N ARG A 227 10.86 -4.69 23.41
CA ARG A 227 12.19 -5.19 23.06
C ARG A 227 12.09 -5.99 21.76
N PHE A 228 11.11 -6.88 21.72
CA PHE A 228 10.85 -7.72 20.57
C PHE A 228 10.64 -6.84 19.31
N ALA A 229 9.72 -5.88 19.41
CA ALA A 229 9.42 -4.99 18.30
C ALA A 229 10.63 -4.24 17.76
N LYS A 230 11.46 -3.71 18.67
CA LYS A 230 12.63 -2.96 18.24
C LYS A 230 13.67 -3.82 17.52
N LEU A 231 13.99 -4.97 18.12
CA LEU A 231 14.97 -5.87 17.54
C LEU A 231 14.53 -6.45 16.20
N ASP A 232 13.25 -6.81 16.10
CA ASP A 232 12.73 -7.38 14.86
C ASP A 232 12.71 -6.33 13.76
N PHE A 233 12.24 -5.13 14.10
CA PHE A 233 12.19 -4.06 13.12
C PHE A 233 13.59 -3.78 12.60
N ASN A 234 14.55 -3.59 13.51
CA ASN A 234 15.91 -3.31 13.08
C ASN A 234 16.53 -4.46 12.31
N LEU A 235 16.22 -5.70 12.71
CA LEU A 235 16.77 -6.85 12.02
C LEU A 235 16.28 -6.87 10.57
N LEU A 236 14.98 -6.63 10.36
CA LEU A 236 14.41 -6.61 9.01
C LEU A 236 14.97 -5.45 8.19
N GLN A 237 15.20 -4.32 8.85
CA GLN A 237 15.74 -3.16 8.17
C GLN A 237 17.07 -3.52 7.52
N MET A 238 17.84 -4.37 8.19
CA MET A 238 19.12 -4.81 7.65
C MET A 238 18.86 -5.52 6.34
N LEU A 239 17.86 -6.38 6.33
CA LEU A 239 17.51 -7.11 5.12
C LEU A 239 17.08 -6.12 4.03
N HIS A 240 16.20 -5.19 4.39
CA HIS A 240 15.72 -4.20 3.44
C HIS A 240 16.89 -3.42 2.85
N LYS A 241 17.82 -3.00 3.69
CA LYS A 241 19.01 -2.27 3.23
C LYS A 241 19.83 -3.10 2.23
N GLN A 242 20.02 -4.39 2.54
CA GLN A 242 20.76 -5.28 1.65
C GLN A 242 20.05 -5.32 0.29
N GLU A 243 18.74 -5.56 0.32
CA GLU A 243 17.97 -5.62 -0.92
C GLU A 243 18.12 -4.32 -1.70
N LEU A 244 17.90 -3.18 -1.04
CA LEU A 244 18.02 -1.89 -1.72
C LEU A 244 19.42 -1.63 -2.29
N ALA A 245 20.45 -2.15 -1.63
CA ALA A 245 21.81 -1.97 -2.13
C ALA A 245 21.93 -2.76 -3.43
N GLN A 246 21.47 -4.00 -3.37
CA GLN A 246 21.48 -4.91 -4.50
C GLN A 246 20.75 -4.28 -5.69
N VAL A 247 19.61 -3.66 -5.42
CA VAL A 247 18.84 -3.01 -6.48
C VAL A 247 19.51 -1.73 -6.98
N SER A 248 20.24 -1.06 -6.09
CA SER A 248 20.93 0.16 -6.49
C SER A 248 22.10 -0.14 -7.42
N ARG A 249 22.80 -1.25 -7.15
CA ARG A 249 23.92 -1.63 -8.03
C ARG A 249 23.35 -2.01 -9.39
N TRP A 250 22.29 -2.81 -9.37
CA TRP A 250 21.60 -3.23 -10.58
C TRP A 250 21.22 -2.01 -11.40
N TRP A 251 20.61 -1.03 -10.72
CA TRP A 251 20.17 0.20 -11.36
C TRP A 251 21.32 1.02 -11.91
N LYS A 252 22.44 1.00 -11.20
CA LYS A 252 23.63 1.74 -11.61
C LYS A 252 24.27 1.12 -12.84
N ASP A 253 24.28 -0.22 -12.90
CA ASP A 253 24.86 -0.92 -14.04
C ASP A 253 24.05 -0.72 -15.32
N LEU A 254 22.79 -0.31 -15.20
CA LEU A 254 21.96 -0.07 -16.37
C LEU A 254 22.33 1.31 -16.89
N ASP A 255 22.69 2.19 -15.96
CA ASP A 255 23.11 3.56 -16.23
C ASP A 255 22.19 4.37 -17.13
N PHE A 256 20.88 4.32 -16.85
CA PHE A 256 19.92 5.09 -17.63
C PHE A 256 20.05 6.56 -17.24
N VAL A 257 20.72 6.78 -16.10
CA VAL A 257 20.93 8.12 -15.58
C VAL A 257 21.73 8.97 -16.57
N THR A 258 22.72 8.37 -17.21
CA THR A 258 23.55 9.08 -18.19
C THR A 258 23.08 8.81 -19.62
N THR A 259 22.45 7.64 -19.82
CA THR A 259 21.97 7.26 -21.14
C THR A 259 20.61 7.83 -21.51
N LEU A 260 19.67 7.79 -20.57
CA LEU A 260 18.32 8.32 -20.81
C LEU A 260 18.05 9.44 -19.80
N PRO A 261 18.79 10.56 -19.91
CA PRO A 261 18.73 11.75 -19.05
C PRO A 261 17.36 12.38 -18.82
N TYR A 262 16.39 12.07 -19.67
CA TYR A 262 15.05 12.62 -19.53
C TYR A 262 14.23 11.92 -18.45
N ALA A 263 14.64 10.70 -18.10
CA ALA A 263 13.94 9.91 -17.09
C ALA A 263 14.20 10.31 -15.64
N ARG A 264 13.25 9.98 -14.77
CA ARG A 264 13.36 10.27 -13.35
C ARG A 264 14.23 9.20 -12.71
N ASP A 265 15.02 9.58 -11.72
CA ASP A 265 15.85 8.62 -11.01
C ASP A 265 15.26 8.47 -9.60
N ARG A 266 14.29 7.57 -9.48
CA ARG A 266 13.63 7.33 -8.19
C ARG A 266 13.58 5.86 -7.80
N VAL A 267 14.73 5.19 -7.85
CA VAL A 267 14.77 3.79 -7.50
C VAL A 267 14.46 3.64 -6.01
N VAL A 268 14.88 4.62 -5.22
CA VAL A 268 14.63 4.57 -3.78
C VAL A 268 13.12 4.65 -3.53
N GLU A 269 12.45 5.58 -4.21
CA GLU A 269 11.00 5.73 -4.04
C GLU A 269 10.28 4.49 -4.57
N CYS A 270 10.85 3.85 -5.59
CA CYS A 270 10.26 2.65 -6.15
C CYS A 270 10.38 1.53 -5.14
N TYR A 271 11.53 1.47 -4.45
CA TYR A 271 11.73 0.43 -3.44
C TYR A 271 10.74 0.60 -2.28
N PHE A 272 10.46 1.85 -1.91
CA PHE A 272 9.53 2.13 -0.83
C PHE A 272 8.22 1.41 -1.13
N SER A 273 7.75 1.54 -2.36
CA SER A 273 6.52 0.86 -2.76
C SER A 273 6.59 -0.64 -2.59
N ALA A 274 7.67 -1.22 -3.10
CA ALA A 274 7.83 -2.64 -2.98
C ALA A 274 7.80 -2.98 -1.50
N LEU A 275 8.43 -2.14 -0.69
CA LEU A 275 8.49 -2.38 0.75
C LEU A 275 7.10 -2.22 1.40
N GLY A 276 6.29 -1.35 0.81
CA GLY A 276 4.94 -1.15 1.30
C GLY A 276 4.03 -2.31 0.92
N VAL A 277 4.30 -2.96 -0.21
CA VAL A 277 3.47 -4.08 -0.65
C VAL A 277 3.67 -5.27 0.28
N TYR A 278 4.91 -5.51 0.69
CA TYR A 278 5.23 -6.57 1.65
C TYR A 278 6.62 -6.32 2.24
N PHE A 279 6.73 -6.48 3.56
CA PHE A 279 7.98 -6.24 4.28
C PHE A 279 8.57 -7.50 4.90
N GLU A 280 7.76 -8.55 5.00
CA GLU A 280 8.23 -9.82 5.59
C GLU A 280 9.46 -10.35 4.86
N PRO A 281 10.36 -11.02 5.58
CA PRO A 281 11.59 -11.60 5.00
C PRO A 281 11.33 -12.68 3.96
N GLN A 282 10.23 -13.41 4.12
CA GLN A 282 9.88 -14.47 3.19
C GLN A 282 9.55 -13.89 1.81
N TYR A 283 9.33 -12.58 1.74
CA TYR A 283 9.00 -11.92 0.49
C TYR A 283 10.15 -11.13 -0.11
N SER A 284 11.36 -11.43 0.34
CA SER A 284 12.55 -10.74 -0.15
C SER A 284 12.72 -10.83 -1.66
N GLN A 285 12.61 -12.04 -2.21
CA GLN A 285 12.77 -12.22 -3.65
C GLN A 285 11.68 -11.46 -4.42
N ALA A 286 10.46 -11.50 -3.89
CA ALA A 286 9.33 -10.80 -4.52
C ALA A 286 9.56 -9.29 -4.56
N ARG A 287 10.03 -8.71 -3.45
CA ARG A 287 10.31 -7.28 -3.39
C ARG A 287 11.33 -6.85 -4.41
N VAL A 288 12.40 -7.62 -4.55
CA VAL A 288 13.45 -7.29 -5.50
C VAL A 288 12.91 -7.34 -6.93
N MET A 289 12.08 -8.34 -7.23
CA MET A 289 11.52 -8.44 -8.57
C MET A 289 10.59 -7.25 -8.80
N LEU A 290 9.77 -6.96 -7.80
CA LEU A 290 8.82 -5.88 -7.87
C LEU A 290 9.41 -4.48 -8.07
N VAL A 291 10.50 -4.18 -7.36
CA VAL A 291 11.12 -2.85 -7.48
C VAL A 291 11.67 -2.65 -8.88
N LYS A 292 12.28 -3.69 -9.44
CA LYS A 292 12.86 -3.59 -10.77
C LYS A 292 11.79 -3.30 -11.80
N THR A 293 10.61 -3.87 -11.62
CA THR A 293 9.52 -3.63 -12.55
C THR A 293 8.98 -2.21 -12.41
N ILE A 294 8.77 -1.76 -11.18
CA ILE A 294 8.27 -0.41 -10.93
C ILE A 294 9.26 0.58 -11.54
N SER A 295 10.52 0.37 -11.24
CA SER A 295 11.60 1.20 -11.73
C SER A 295 11.60 1.22 -13.26
N MET A 296 11.55 0.03 -13.85
CA MET A 296 11.55 -0.12 -15.30
C MET A 296 10.35 0.53 -15.98
N ILE A 297 9.13 0.30 -15.46
CA ILE A 297 7.94 0.89 -16.08
C ILE A 297 7.92 2.41 -15.91
N SER A 298 8.69 2.90 -14.96
CA SER A 298 8.78 4.34 -14.71
C SER A 298 9.52 5.01 -15.88
N ILE A 299 10.51 4.32 -16.43
CA ILE A 299 11.27 4.82 -17.56
C ILE A 299 10.40 4.86 -18.82
N VAL A 300 9.58 3.82 -19.00
CA VAL A 300 8.69 3.76 -20.15
C VAL A 300 7.71 4.92 -20.08
N ASP A 301 7.28 5.25 -18.87
CA ASP A 301 6.35 6.35 -18.66
C ASP A 301 6.99 7.66 -19.12
N ASP A 302 8.19 7.95 -18.59
CA ASP A 302 8.91 9.17 -18.95
C ASP A 302 9.14 9.27 -20.46
N THR A 303 9.37 8.12 -21.09
CA THR A 303 9.61 8.07 -22.53
C THR A 303 8.38 8.54 -23.31
N PHE A 304 7.19 8.17 -22.85
CA PHE A 304 5.95 8.58 -23.51
C PHE A 304 5.59 10.02 -23.22
N ASP A 305 5.96 10.48 -22.04
CA ASP A 305 5.66 11.84 -21.61
C ASP A 305 6.56 12.93 -22.14
N ALA A 306 7.79 12.93 -21.63
CA ALA A 306 8.74 13.96 -22.02
C ALA A 306 9.85 13.51 -22.93
N TYR A 307 9.52 13.07 -24.14
CA TYR A 307 10.60 12.70 -25.04
C TYR A 307 10.26 12.19 -26.43
N GLY A 308 9.25 11.34 -26.51
CA GLY A 308 8.92 10.76 -27.80
C GLY A 308 7.84 11.30 -28.70
N THR A 309 8.06 11.02 -29.98
CA THR A 309 7.16 11.42 -31.03
C THR A 309 6.18 10.31 -31.31
N VAL A 310 5.08 10.74 -31.90
CA VAL A 310 3.94 9.94 -32.30
C VAL A 310 4.37 8.74 -33.13
N LYS A 311 5.44 8.92 -33.88
CA LYS A 311 5.97 7.86 -34.72
C LYS A 311 6.83 6.97 -33.82
N GLU A 312 7.70 7.60 -33.03
CA GLU A 312 8.56 6.87 -32.10
C GLU A 312 7.70 6.08 -31.11
N LEU A 313 6.78 6.76 -30.45
CA LEU A 313 5.90 6.12 -29.48
C LEU A 313 5.06 5.01 -30.11
N GLU A 314 4.69 5.20 -31.37
CA GLU A 314 3.89 4.21 -32.08
C GLU A 314 4.68 2.91 -32.30
N ALA A 315 5.92 3.05 -32.75
CA ALA A 315 6.77 1.89 -33.00
C ALA A 315 7.14 1.22 -31.68
N TYR A 316 7.29 2.04 -30.63
CA TYR A 316 7.64 1.54 -29.31
C TYR A 316 6.52 0.63 -28.81
N THR A 317 5.29 1.12 -28.93
CA THR A 317 4.11 0.38 -28.50
C THR A 317 4.00 -0.95 -29.24
N ASP A 318 4.25 -0.90 -30.54
CA ASP A 318 4.17 -2.09 -31.36
C ASP A 318 5.27 -3.10 -31.03
N ALA A 319 6.49 -2.60 -30.84
CA ALA A 319 7.59 -3.49 -30.52
C ALA A 319 7.24 -4.23 -29.24
N ILE A 320 6.68 -3.51 -28.28
CA ILE A 320 6.28 -4.08 -26.99
C ILE A 320 5.22 -5.17 -27.17
N GLN A 321 4.24 -4.93 -28.04
CA GLN A 321 3.19 -5.93 -28.28
C GLN A 321 3.78 -7.22 -28.88
N ARG A 322 4.75 -7.06 -29.79
CA ARG A 322 5.38 -8.20 -30.44
C ARG A 322 6.30 -8.95 -29.49
N TRP A 323 6.93 -8.19 -28.59
CA TRP A 323 7.81 -8.78 -27.59
C TRP A 323 8.82 -9.79 -28.14
N ASP A 324 9.76 -9.29 -28.94
CA ASP A 324 10.81 -10.13 -29.53
C ASP A 324 12.00 -9.23 -29.80
N ILE A 325 13.17 -9.62 -29.31
CA ILE A 325 14.35 -8.78 -29.48
C ILE A 325 14.73 -8.53 -30.93
N ASN A 326 13.97 -9.11 -31.85
CA ASN A 326 14.23 -8.92 -33.28
C ASN A 326 13.66 -7.56 -33.71
N GLU A 327 12.82 -6.99 -32.85
CA GLU A 327 12.18 -5.70 -33.13
C GLU A 327 13.06 -4.52 -32.75
N ILE A 328 14.11 -4.78 -31.97
CA ILE A 328 15.00 -3.72 -31.50
C ILE A 328 15.54 -2.83 -32.62
N ASP A 329 15.43 -3.30 -33.86
CA ASP A 329 15.91 -2.55 -35.02
C ASP A 329 14.96 -1.45 -35.45
N ARG A 330 13.66 -1.72 -35.36
CA ARG A 330 12.64 -0.74 -35.75
C ARG A 330 12.50 0.36 -34.70
N LEU A 331 13.53 0.56 -33.87
CA LEU A 331 13.44 1.57 -32.82
C LEU A 331 14.61 2.56 -32.76
N PRO A 332 14.33 3.79 -32.32
CA PRO A 332 15.39 4.81 -32.21
C PRO A 332 16.42 4.28 -31.22
N ASP A 333 17.67 4.67 -31.37
CA ASP A 333 18.72 4.19 -30.48
C ASP A 333 18.41 4.32 -28.99
N TYR A 334 17.79 5.43 -28.58
CA TYR A 334 17.49 5.59 -27.17
C TYR A 334 16.39 4.63 -26.70
N MET A 335 15.44 4.33 -27.58
CA MET A 335 14.37 3.41 -27.23
C MET A 335 14.86 1.97 -27.24
N LYS A 336 15.94 1.72 -27.98
CA LYS A 336 16.51 0.37 -28.03
C LYS A 336 17.05 0.02 -26.65
N ILE A 337 17.52 1.04 -25.94
CA ILE A 337 18.08 0.87 -24.60
C ILE A 337 16.98 0.43 -23.64
N SER A 338 15.82 1.08 -23.70
CA SER A 338 14.69 0.74 -22.83
C SER A 338 14.23 -0.69 -23.18
N TYR A 339 13.88 -0.88 -24.45
CA TYR A 339 13.38 -2.15 -24.95
C TYR A 339 14.22 -3.37 -24.58
N LYS A 340 15.53 -3.31 -24.81
CA LYS A 340 16.39 -4.44 -24.48
C LYS A 340 16.39 -4.73 -23.00
N ALA A 341 16.48 -3.66 -22.20
CA ALA A 341 16.50 -3.79 -20.75
C ALA A 341 15.23 -4.50 -20.27
N ILE A 342 14.11 -4.17 -20.88
CA ILE A 342 12.83 -4.77 -20.51
C ILE A 342 12.80 -6.27 -20.78
N LEU A 343 13.21 -6.69 -21.98
CA LEU A 343 13.21 -8.12 -22.31
C LEU A 343 14.20 -8.85 -21.43
N ASP A 344 15.35 -8.24 -21.18
CA ASP A 344 16.35 -8.85 -20.32
C ASP A 344 15.80 -9.07 -18.93
N LEU A 345 15.07 -8.07 -18.42
CA LEU A 345 14.50 -8.17 -17.08
C LEU A 345 13.59 -9.40 -16.98
N TYR A 346 12.66 -9.54 -17.91
CA TYR A 346 11.76 -10.69 -17.86
C TYR A 346 12.50 -12.00 -18.09
N LYS A 347 13.62 -11.93 -18.82
CA LYS A 347 14.44 -13.11 -19.03
C LYS A 347 15.07 -13.47 -17.69
N ASP A 348 15.49 -12.44 -16.93
CA ASP A 348 16.08 -12.68 -15.62
C ASP A 348 15.06 -13.27 -14.67
N TYR A 349 13.81 -12.79 -14.74
CA TYR A 349 12.73 -13.30 -13.88
C TYR A 349 12.50 -14.77 -14.21
N GLU A 350 12.46 -15.09 -15.50
CA GLU A 350 12.25 -16.46 -15.95
C GLU A 350 13.37 -17.32 -15.39
N LYS A 351 14.59 -16.79 -15.45
CA LYS A 351 15.75 -17.50 -14.93
C LYS A 351 15.60 -17.73 -13.41
N GLU A 352 15.27 -16.66 -12.69
CA GLU A 352 15.10 -16.73 -11.24
C GLU A 352 14.10 -17.77 -10.77
N LEU A 353 13.04 -17.96 -11.53
CA LEU A 353 11.99 -18.89 -11.18
C LEU A 353 12.18 -20.32 -11.69
N SER A 354 13.23 -20.56 -12.46
CA SER A 354 13.50 -21.91 -13.00
C SER A 354 13.58 -22.91 -11.87
N SER A 355 14.35 -22.55 -10.86
CA SER A 355 14.56 -23.37 -9.68
C SER A 355 13.28 -24.03 -9.18
N ALA A 356 12.21 -23.24 -9.06
CA ALA A 356 10.93 -23.75 -8.58
C ALA A 356 9.99 -24.17 -9.71
N GLY A 357 10.42 -23.97 -10.94
CA GLY A 357 9.59 -24.33 -12.08
C GLY A 357 8.37 -23.42 -12.21
N ARG A 358 8.54 -22.17 -11.82
CA ARG A 358 7.46 -21.19 -11.88
C ARG A 358 7.76 -20.10 -12.90
N SER A 359 8.46 -20.45 -13.97
CA SER A 359 8.82 -19.48 -15.00
C SER A 359 7.66 -19.17 -15.93
N HIS A 360 6.73 -20.12 -16.02
CA HIS A 360 5.57 -19.99 -16.89
C HIS A 360 4.57 -18.91 -16.44
N ILE A 361 4.77 -18.36 -15.24
CA ILE A 361 3.87 -17.33 -14.73
C ILE A 361 4.33 -15.94 -15.16
N VAL A 362 5.58 -15.81 -15.57
CA VAL A 362 6.09 -14.51 -15.99
C VAL A 362 5.21 -13.88 -17.07
N CYS A 363 4.67 -14.70 -17.95
CA CYS A 363 3.83 -14.22 -19.05
C CYS A 363 2.65 -13.35 -18.59
N HIS A 364 2.11 -13.66 -17.42
CA HIS A 364 0.99 -12.87 -16.88
C HIS A 364 1.41 -11.43 -16.65
N ALA A 365 2.60 -11.24 -16.08
CA ALA A 365 3.10 -9.89 -15.83
C ALA A 365 3.35 -9.19 -17.17
N ILE A 366 3.90 -9.94 -18.13
CA ILE A 366 4.19 -9.38 -19.46
C ILE A 366 2.94 -8.87 -20.16
N GLU A 367 1.87 -9.68 -20.15
CA GLU A 367 0.63 -9.25 -20.77
C GLU A 367 0.09 -7.97 -20.13
N ARG A 368 0.28 -7.82 -18.82
CA ARG A 368 -0.18 -6.63 -18.12
C ARG A 368 0.66 -5.43 -18.54
N MET A 369 1.95 -5.65 -18.73
CA MET A 369 2.83 -4.55 -19.15
C MET A 369 2.41 -4.07 -20.53
N LYS A 370 2.17 -5.02 -21.44
CA LYS A 370 1.75 -4.66 -22.80
C LYS A 370 0.49 -3.80 -22.74
N GLU A 371 -0.39 -4.11 -21.79
CA GLU A 371 -1.63 -3.36 -21.61
C GLU A 371 -1.32 -1.93 -21.20
N VAL A 372 -0.40 -1.76 -20.26
CA VAL A 372 -0.03 -0.43 -19.81
C VAL A 372 0.49 0.38 -20.99
N VAL A 373 1.40 -0.23 -21.77
CA VAL A 373 1.97 0.45 -22.93
C VAL A 373 0.91 0.90 -23.93
N ARG A 374 -0.05 0.03 -24.22
CA ARG A 374 -1.14 0.38 -25.14
C ARG A 374 -1.87 1.64 -24.68
N ASN A 375 -2.32 1.64 -23.43
CA ASN A 375 -3.06 2.77 -22.89
C ASN A 375 -2.20 4.03 -22.79
N TYR A 376 -0.89 3.85 -22.64
CA TYR A 376 0.03 4.99 -22.60
C TYR A 376 -0.06 5.63 -23.98
N ASN A 377 -0.02 4.79 -25.01
CA ASN A 377 -0.07 5.26 -26.37
C ASN A 377 -1.40 5.96 -26.68
N VAL A 378 -2.48 5.41 -26.16
CA VAL A 378 -3.78 6.04 -26.36
C VAL A 378 -3.78 7.38 -25.63
N GLU A 379 -3.20 7.39 -24.45
CA GLU A 379 -3.13 8.58 -23.62
C GLU A 379 -2.43 9.71 -24.39
N SER A 380 -1.32 9.40 -25.05
CA SER A 380 -0.60 10.41 -25.80
C SER A 380 -1.40 10.81 -27.04
N THR A 381 -2.15 9.87 -27.62
CA THR A 381 -2.97 10.19 -28.79
C THR A 381 -4.02 11.23 -28.37
N TRP A 382 -4.61 11.02 -27.19
CA TRP A 382 -5.61 11.94 -26.69
C TRP A 382 -5.02 13.33 -26.47
N PHE A 383 -3.78 13.36 -25.97
CA PHE A 383 -3.10 14.63 -25.70
C PHE A 383 -2.85 15.42 -26.99
N ILE A 384 -2.37 14.73 -28.01
CA ILE A 384 -2.06 15.33 -29.30
C ILE A 384 -3.30 15.91 -30.02
N GLU A 385 -4.43 15.22 -29.90
CA GLU A 385 -5.68 15.67 -30.55
C GLU A 385 -6.43 16.67 -29.70
N GLY A 386 -6.03 16.80 -28.44
CA GLY A 386 -6.72 17.71 -27.55
C GLY A 386 -8.08 17.17 -27.19
N TYR A 387 -8.17 15.85 -27.06
CA TYR A 387 -9.43 15.18 -26.73
C TYR A 387 -9.72 15.13 -25.24
N THR A 388 -10.98 15.37 -24.88
CA THR A 388 -11.44 15.33 -23.49
C THR A 388 -12.61 14.35 -23.45
N PRO A 389 -12.31 13.06 -23.24
CA PRO A 389 -13.29 11.96 -23.17
C PRO A 389 -14.24 12.04 -22.00
N PRO A 390 -15.40 11.39 -22.11
CA PRO A 390 -16.38 11.39 -21.02
C PRO A 390 -15.70 10.54 -19.94
N VAL A 391 -16.10 10.70 -18.68
CA VAL A 391 -15.49 9.94 -17.58
C VAL A 391 -15.45 8.45 -17.92
N SER A 392 -16.57 7.95 -18.39
CA SER A 392 -16.69 6.55 -18.75
C SER A 392 -15.54 6.08 -19.63
N GLU A 393 -15.32 6.77 -20.75
CA GLU A 393 -14.25 6.39 -21.67
C GLU A 393 -12.88 6.70 -21.06
N TYR A 394 -12.79 7.78 -20.30
CA TYR A 394 -11.52 8.14 -19.68
C TYR A 394 -10.99 6.99 -18.80
N LEU A 395 -11.86 6.47 -17.93
CA LEU A 395 -11.48 5.38 -17.04
C LEU A 395 -11.14 4.09 -17.77
N SER A 396 -11.85 3.81 -18.87
CA SER A 396 -11.59 2.58 -19.61
C SER A 396 -10.12 2.51 -20.01
N ASN A 397 -9.49 3.66 -20.15
CA ASN A 397 -8.08 3.71 -20.53
C ASN A 397 -7.15 4.12 -19.39
N ALA A 398 -7.56 5.12 -18.60
CA ALA A 398 -6.75 5.62 -17.51
C ALA A 398 -6.55 4.70 -16.30
N LEU A 399 -7.41 3.71 -16.13
CA LEU A 399 -7.23 2.83 -14.98
C LEU A 399 -5.94 2.01 -15.07
N ALA A 400 -5.65 1.49 -16.26
CA ALA A 400 -4.45 0.68 -16.47
C ALA A 400 -3.18 1.52 -16.40
N THR A 401 -3.24 2.76 -16.87
CA THR A 401 -2.05 3.62 -16.84
C THR A 401 -1.55 3.95 -15.43
N THR A 402 -2.34 3.61 -14.41
CA THR A 402 -1.88 3.84 -13.04
C THR A 402 -0.76 2.82 -12.81
N THR A 403 -0.77 1.77 -13.64
CA THR A 403 0.17 0.63 -13.63
C THR A 403 -0.21 -0.37 -12.55
N TYR A 404 -1.30 -0.10 -11.84
CA TYR A 404 -1.72 -0.97 -10.76
C TYR A 404 -2.16 -2.40 -11.05
N TYR A 405 -2.80 -2.64 -12.20
CA TYR A 405 -3.17 -4.03 -12.51
C TYR A 405 -1.84 -4.75 -12.67
N TYR A 406 -0.92 -4.04 -13.32
CA TYR A 406 0.43 -4.53 -13.60
C TYR A 406 1.30 -4.77 -12.37
N LEU A 407 1.25 -3.87 -11.38
CA LEU A 407 2.06 -4.07 -10.18
C LEU A 407 1.51 -5.22 -9.33
N ALA A 408 0.19 -5.30 -9.20
CA ALA A 408 -0.42 -6.38 -8.43
C ALA A 408 -0.01 -7.71 -9.05
N THR A 409 -0.06 -7.78 -10.38
CA THR A 409 0.31 -9.00 -11.07
C THR A 409 1.77 -9.28 -10.78
N THR A 410 2.60 -8.25 -10.90
CA THR A 410 4.02 -8.39 -10.66
C THR A 410 4.36 -8.82 -9.23
N SER A 411 3.55 -8.37 -8.27
CA SER A 411 3.82 -8.71 -6.88
C SER A 411 3.72 -10.20 -6.59
N TYR A 412 2.97 -10.94 -7.41
CA TYR A 412 2.82 -12.39 -7.21
C TYR A 412 4.00 -13.20 -7.73
N LEU A 413 4.75 -12.64 -8.67
CA LEU A 413 5.87 -13.35 -9.26
C LEU A 413 6.80 -14.00 -8.25
N GLY A 414 7.20 -13.24 -7.24
CA GLY A 414 8.13 -13.75 -6.24
C GLY A 414 7.51 -14.51 -5.09
N MET A 415 6.19 -14.59 -5.08
CA MET A 415 5.50 -15.30 -4.02
C MET A 415 5.44 -16.77 -4.40
N LYS A 416 6.36 -17.52 -3.81
CA LYS A 416 6.51 -18.94 -4.05
C LYS A 416 5.21 -19.73 -3.97
N SER A 417 4.22 -19.20 -3.25
CA SER A 417 2.94 -19.87 -3.10
C SER A 417 1.90 -19.55 -4.17
N ALA A 418 2.16 -18.51 -4.95
CA ALA A 418 1.23 -18.11 -6.00
C ALA A 418 1.13 -19.17 -7.09
N THR A 419 -0.09 -19.56 -7.43
CA THR A 419 -0.29 -20.58 -8.46
C THR A 419 -0.88 -19.97 -9.74
N GLU A 420 -1.01 -20.81 -10.76
CA GLU A 420 -1.56 -20.39 -12.04
C GLU A 420 -3.01 -19.98 -11.85
N GLN A 421 -3.69 -20.66 -10.93
CA GLN A 421 -5.08 -20.36 -10.65
C GLN A 421 -5.22 -19.04 -9.93
N ASP A 422 -4.16 -18.63 -9.24
CA ASP A 422 -4.15 -17.36 -8.52
C ASP A 422 -4.06 -16.22 -9.55
N PHE A 423 -3.18 -16.38 -10.54
CA PHE A 423 -3.01 -15.36 -11.57
C PHE A 423 -4.26 -15.30 -12.44
N GLU A 424 -4.90 -16.45 -12.57
CA GLU A 424 -6.10 -16.58 -13.38
C GLU A 424 -7.22 -15.74 -12.77
N TRP A 425 -7.29 -15.75 -11.45
CA TRP A 425 -8.29 -14.98 -10.74
C TRP A 425 -8.03 -13.49 -10.91
N LEU A 426 -6.74 -13.13 -10.88
CA LEU A 426 -6.35 -11.73 -11.01
C LEU A 426 -6.54 -11.22 -12.42
N SER A 427 -6.32 -12.10 -13.40
CA SER A 427 -6.46 -11.70 -14.80
C SER A 427 -7.89 -11.26 -15.14
N LYS A 428 -8.86 -11.66 -14.34
CA LYS A 428 -10.25 -11.32 -14.61
C LYS A 428 -10.67 -9.99 -13.99
N ASN A 429 -9.72 -9.25 -13.45
CA ASN A 429 -9.98 -7.96 -12.82
C ASN A 429 -11.02 -8.05 -11.71
N PRO A 430 -10.70 -8.74 -10.61
CA PRO A 430 -11.62 -8.88 -9.48
C PRO A 430 -11.93 -7.49 -8.90
N LYS A 431 -13.08 -7.38 -8.25
CA LYS A 431 -13.51 -6.13 -7.69
C LYS A 431 -12.47 -5.50 -6.76
N ILE A 432 -11.87 -6.31 -5.89
CA ILE A 432 -10.86 -5.80 -4.98
C ILE A 432 -9.71 -5.12 -5.72
N LEU A 433 -9.26 -5.73 -6.81
CA LEU A 433 -8.16 -5.17 -7.59
C LEU A 433 -8.63 -3.89 -8.27
N GLU A 434 -9.83 -3.96 -8.83
CA GLU A 434 -10.44 -2.83 -9.52
C GLU A 434 -10.56 -1.65 -8.53
N ALA A 435 -10.99 -1.95 -7.31
CA ALA A 435 -11.14 -0.91 -6.28
C ALA A 435 -9.79 -0.23 -6.02
N SER A 436 -8.77 -1.05 -5.81
CA SER A 436 -7.44 -0.53 -5.56
C SER A 436 -6.95 0.35 -6.73
N VAL A 437 -7.24 -0.09 -7.96
CA VAL A 437 -6.82 0.68 -9.12
C VAL A 437 -7.57 2.03 -9.20
N ILE A 438 -8.87 1.99 -8.94
CA ILE A 438 -9.68 3.21 -8.97
C ILE A 438 -9.17 4.24 -7.96
N ILE A 439 -8.82 3.76 -6.77
CA ILE A 439 -8.30 4.61 -5.72
C ILE A 439 -7.04 5.35 -6.18
N CYS A 440 -6.11 4.59 -6.76
CA CYS A 440 -4.89 5.19 -7.27
C CYS A 440 -5.21 6.23 -8.35
N ARG A 441 -6.13 5.90 -9.24
CA ARG A 441 -6.51 6.81 -10.33
C ARG A 441 -7.15 8.12 -9.86
N VAL A 442 -8.26 8.03 -9.12
CA VAL A 442 -8.94 9.24 -8.67
C VAL A 442 -8.14 10.12 -7.71
N ILE A 443 -7.38 9.50 -6.80
CA ILE A 443 -6.59 10.27 -5.85
C ILE A 443 -5.46 10.97 -6.59
N ASP A 444 -4.82 10.23 -7.50
CA ASP A 444 -3.74 10.81 -8.27
C ASP A 444 -4.28 11.93 -9.16
N ASP A 445 -5.46 11.72 -9.73
CA ASP A 445 -6.06 12.74 -10.60
C ASP A 445 -6.40 14.01 -9.83
N THR A 446 -6.82 13.84 -8.58
CA THR A 446 -7.17 14.98 -7.72
C THR A 446 -5.93 15.76 -7.30
N ALA A 447 -4.86 15.04 -6.98
CA ALA A 447 -3.63 15.67 -6.53
C ALA A 447 -2.76 16.25 -7.64
N THR A 448 -2.92 15.75 -8.86
CA THR A 448 -2.09 16.23 -9.96
C THR A 448 -2.86 16.99 -11.03
N TYR A 449 -4.12 17.33 -10.77
CA TYR A 449 -4.92 18.05 -11.75
C TYR A 449 -4.29 19.33 -12.26
N GLU A 450 -4.16 20.32 -11.38
CA GLU A 450 -3.61 21.62 -11.75
C GLU A 450 -2.27 21.58 -12.49
N VAL A 451 -1.40 20.66 -12.10
CA VAL A 451 -0.09 20.56 -12.73
C VAL A 451 -0.20 20.00 -14.16
N GLU A 452 -0.98 18.95 -14.34
CA GLU A 452 -1.13 18.36 -15.67
C GLU A 452 -1.91 19.30 -16.58
N LYS A 453 -2.80 20.09 -15.98
CA LYS A 453 -3.60 21.04 -16.72
C LYS A 453 -2.71 22.15 -17.25
N SER A 454 -1.71 22.52 -16.46
CA SER A 454 -0.79 23.58 -16.86
C SER A 454 0.13 23.08 -17.97
N ARG A 455 0.05 21.78 -18.26
CA ARG A 455 0.88 21.21 -19.30
C ARG A 455 0.08 20.94 -20.58
N GLY A 456 -1.16 21.42 -20.59
CA GLY A 456 -2.01 21.23 -21.76
C GLY A 456 -2.69 19.87 -21.83
N GLN A 457 -2.45 19.04 -20.81
CA GLN A 457 -3.04 17.70 -20.74
C GLN A 457 -4.52 17.78 -20.36
N ILE A 458 -5.33 18.17 -21.33
CA ILE A 458 -6.77 18.32 -21.10
C ILE A 458 -7.58 17.03 -21.07
N ALA A 459 -6.90 15.88 -21.06
CA ALA A 459 -7.59 14.59 -20.98
C ALA A 459 -7.42 14.04 -19.57
N THR A 460 -7.03 14.92 -18.65
CA THR A 460 -6.83 14.54 -17.25
C THR A 460 -8.19 14.23 -16.64
N GLY A 461 -8.20 13.34 -15.64
CA GLY A 461 -9.45 12.94 -15.00
C GLY A 461 -10.43 14.01 -14.54
N ILE A 462 -9.96 14.93 -13.69
CA ILE A 462 -10.85 15.98 -13.19
C ILE A 462 -11.45 16.78 -14.33
N GLU A 463 -10.68 17.00 -15.39
CA GLU A 463 -11.17 17.76 -16.55
C GLU A 463 -12.32 17.02 -17.22
N CYS A 464 -12.08 15.75 -17.55
CA CYS A 464 -13.10 14.92 -18.17
C CYS A 464 -14.34 14.94 -17.31
N CYS A 465 -14.14 14.87 -15.99
CA CYS A 465 -15.25 14.85 -15.06
C CYS A 465 -16.03 16.15 -15.12
N MET A 466 -15.32 17.28 -15.08
CA MET A 466 -15.94 18.60 -15.12
C MET A 466 -16.78 18.78 -16.37
N ARG A 467 -16.18 18.50 -17.52
CA ARG A 467 -16.87 18.64 -18.80
C ARG A 467 -18.05 17.66 -18.93
N ASP A 468 -17.80 16.41 -18.60
CA ASP A 468 -18.81 15.36 -18.70
C ASP A 468 -20.08 15.67 -17.89
N TYR A 469 -19.93 15.98 -16.61
CA TYR A 469 -21.06 16.28 -15.74
C TYR A 469 -21.44 17.75 -15.70
N GLY A 470 -20.63 18.58 -16.37
CA GLY A 470 -20.91 20.01 -16.38
C GLY A 470 -20.87 20.57 -14.98
N ILE A 471 -19.77 20.35 -14.29
CA ILE A 471 -19.59 20.82 -12.92
C ILE A 471 -18.25 21.51 -12.71
N SER A 472 -18.05 22.09 -11.54
CA SER A 472 -16.81 22.79 -11.22
C SER A 472 -15.68 21.82 -10.84
N THR A 473 -14.47 22.34 -10.77
CA THR A 473 -13.31 21.54 -10.42
C THR A 473 -13.52 20.99 -9.00
N LYS A 474 -14.12 21.80 -8.14
CA LYS A 474 -14.40 21.41 -6.76
C LYS A 474 -15.39 20.26 -6.71
N GLU A 475 -16.52 20.40 -7.41
CA GLU A 475 -17.53 19.35 -7.43
C GLU A 475 -16.96 18.07 -8.03
N ALA A 476 -16.14 18.21 -9.06
CA ALA A 476 -15.53 17.06 -9.73
C ALA A 476 -14.60 16.33 -8.76
N MET A 477 -13.75 17.10 -8.08
CA MET A 477 -12.84 16.50 -7.13
C MET A 477 -13.62 15.82 -6.01
N ALA A 478 -14.72 16.43 -5.62
CA ALA A 478 -15.54 15.85 -4.56
C ALA A 478 -16.15 14.54 -5.06
N LYS A 479 -16.44 14.48 -6.35
CA LYS A 479 -17.01 13.28 -6.93
C LYS A 479 -15.98 12.16 -6.95
N PHE A 480 -14.75 12.50 -7.30
CA PHE A 480 -13.69 11.51 -7.32
C PHE A 480 -13.40 11.00 -5.91
N GLN A 481 -13.59 11.87 -4.93
CA GLN A 481 -13.36 11.48 -3.55
C GLN A 481 -14.42 10.45 -3.14
N ASN A 482 -15.63 10.59 -3.66
CA ASN A 482 -16.68 9.64 -3.33
C ASN A 482 -16.40 8.30 -4.01
N MET A 483 -15.77 8.35 -5.19
CA MET A 483 -15.43 7.14 -5.91
C MET A 483 -14.37 6.39 -5.09
N ALA A 484 -13.43 7.15 -4.53
CA ALA A 484 -12.39 6.55 -3.70
C ALA A 484 -13.00 5.92 -2.46
N GLU A 485 -13.99 6.62 -1.89
CA GLU A 485 -14.68 6.16 -0.69
C GLU A 485 -15.40 4.84 -0.98
N THR A 486 -16.11 4.83 -2.11
CA THR A 486 -16.84 3.65 -2.53
C THR A 486 -15.84 2.52 -2.76
N ALA A 487 -14.68 2.86 -3.33
CA ALA A 487 -13.63 1.90 -3.60
C ALA A 487 -13.06 1.26 -2.32
N TRP A 488 -12.91 2.05 -1.25
CA TRP A 488 -12.39 1.46 -0.01
C TRP A 488 -13.40 0.49 0.58
N LYS A 489 -14.69 0.80 0.48
CA LYS A 489 -15.70 -0.11 1.00
C LYS A 489 -15.60 -1.42 0.21
N ASP A 490 -15.37 -1.34 -1.10
CA ASP A 490 -15.26 -2.55 -1.92
C ASP A 490 -14.05 -3.36 -1.49
N ILE A 491 -12.96 -2.69 -1.17
CA ILE A 491 -11.78 -3.40 -0.73
C ILE A 491 -12.06 -4.12 0.57
N ASN A 492 -12.71 -3.44 1.51
CA ASN A 492 -13.01 -4.05 2.81
C ASN A 492 -13.92 -5.26 2.62
N GLU A 493 -14.85 -5.17 1.67
CA GLU A 493 -15.75 -6.26 1.37
C GLU A 493 -14.94 -7.40 0.76
N GLY A 494 -14.02 -7.04 -0.13
CA GLY A 494 -13.19 -8.04 -0.78
C GLY A 494 -12.30 -8.85 0.14
N LEU A 495 -12.12 -8.38 1.38
CA LEU A 495 -11.27 -9.10 2.34
C LEU A 495 -12.09 -10.08 3.18
N LEU A 496 -13.41 -9.98 3.10
CA LEU A 496 -14.29 -10.85 3.89
C LEU A 496 -14.34 -12.30 3.42
N ARG A 497 -14.32 -13.21 4.40
CA ARG A 497 -14.38 -14.64 4.13
C ARG A 497 -15.81 -15.03 3.72
N PRO A 498 -15.95 -16.00 2.80
CA PRO A 498 -14.90 -16.76 2.10
C PRO A 498 -14.22 -15.92 1.02
N THR A 499 -12.90 -15.90 1.01
CA THR A 499 -12.15 -15.14 0.01
C THR A 499 -11.95 -15.98 -1.26
N PRO A 500 -11.90 -15.33 -2.43
CA PRO A 500 -11.70 -16.02 -3.71
C PRO A 500 -10.34 -16.70 -3.87
N VAL A 501 -9.36 -16.22 -3.11
CA VAL A 501 -8.00 -16.75 -3.13
C VAL A 501 -7.51 -16.55 -1.71
N SER A 502 -6.36 -17.12 -1.36
CA SER A 502 -5.81 -16.95 -0.01
C SER A 502 -5.62 -15.47 0.30
N THR A 503 -5.81 -15.11 1.57
CA THR A 503 -5.66 -13.73 2.00
C THR A 503 -4.28 -13.21 1.59
N GLU A 504 -3.31 -14.11 1.64
CA GLU A 504 -1.94 -13.79 1.26
C GLU A 504 -1.87 -13.05 -0.10
N PHE A 505 -2.82 -13.34 -0.99
CA PHE A 505 -2.80 -12.69 -2.29
C PHE A 505 -3.70 -11.48 -2.37
N LEU A 506 -4.45 -11.20 -1.31
CA LEU A 506 -5.30 -10.03 -1.28
C LEU A 506 -4.55 -8.86 -0.64
N THR A 507 -3.76 -9.16 0.38
CA THR A 507 -3.00 -8.15 1.11
C THR A 507 -2.15 -7.24 0.21
N PRO A 508 -1.51 -7.79 -0.84
CA PRO A 508 -0.69 -6.94 -1.71
C PRO A 508 -1.52 -5.88 -2.44
N ILE A 509 -2.77 -6.22 -2.72
CA ILE A 509 -3.68 -5.30 -3.41
C ILE A 509 -4.12 -4.22 -2.42
N LEU A 510 -4.36 -4.62 -1.17
CA LEU A 510 -4.75 -3.70 -0.11
C LEU A 510 -3.61 -2.71 0.15
N ASN A 511 -2.38 -3.24 0.22
CA ASN A 511 -1.22 -2.42 0.48
C ASN A 511 -0.94 -1.42 -0.62
N LEU A 512 -1.26 -1.78 -1.87
CA LEU A 512 -1.09 -0.87 -2.99
C LEU A 512 -1.98 0.34 -2.82
N ALA A 513 -3.21 0.10 -2.36
CA ALA A 513 -4.17 1.18 -2.12
C ALA A 513 -3.64 2.05 -0.99
N ARG A 514 -3.10 1.40 0.05
CA ARG A 514 -2.52 2.11 1.20
C ARG A 514 -1.40 3.04 0.74
N ILE A 515 -0.57 2.54 -0.16
CA ILE A 515 0.54 3.33 -0.70
C ILE A 515 -0.01 4.58 -1.37
N VAL A 516 -1.18 4.46 -2.00
CA VAL A 516 -1.80 5.61 -2.65
C VAL A 516 -2.15 6.66 -1.61
N GLU A 517 -2.83 6.23 -0.54
CA GLU A 517 -3.24 7.13 0.53
C GLU A 517 -2.05 7.83 1.18
N VAL A 518 -1.00 7.08 1.42
CA VAL A 518 0.20 7.62 2.05
C VAL A 518 1.00 8.57 1.16
N THR A 519 1.05 8.28 -0.15
CA THR A 519 1.80 9.09 -1.10
C THR A 519 1.12 10.42 -1.43
N TYR A 520 -0.21 10.46 -1.41
CA TYR A 520 -0.92 11.69 -1.70
C TYR A 520 -1.68 12.23 -0.50
N ILE A 521 -1.17 11.97 0.70
CA ILE A 521 -1.84 12.43 1.92
C ILE A 521 -2.12 13.95 1.87
N HIS A 522 -3.30 14.33 2.34
CA HIS A 522 -3.73 15.74 2.36
C HIS A 522 -3.77 16.32 0.95
N ASN A 523 -3.89 15.43 -0.02
CA ASN A 523 -3.93 15.79 -1.44
C ASN A 523 -2.64 16.43 -1.91
N LEU A 524 -1.57 16.18 -1.16
CA LEU A 524 -0.25 16.69 -1.53
C LEU A 524 0.26 15.75 -2.60
N ASP A 525 0.96 16.29 -3.60
CA ASP A 525 1.47 15.43 -4.65
C ASP A 525 2.83 14.85 -4.30
N GLY A 526 2.82 13.61 -3.82
CA GLY A 526 4.06 12.94 -3.45
C GLY A 526 4.60 12.10 -4.60
N TYR A 527 3.90 12.14 -5.72
CA TYR A 527 4.30 11.39 -6.91
C TYR A 527 5.30 12.22 -7.70
N THR A 528 4.94 13.49 -7.91
CA THR A 528 5.77 14.44 -8.64
C THR A 528 6.87 15.00 -7.72
N HIS A 529 6.66 14.91 -6.41
CA HIS A 529 7.63 15.42 -5.44
C HIS A 529 7.93 14.49 -4.26
N PRO A 530 9.04 13.75 -4.34
CA PRO A 530 9.47 12.81 -3.31
C PRO A 530 9.76 13.48 -1.95
N GLU A 531 10.55 14.54 -1.98
CA GLU A 531 10.94 15.28 -0.77
C GLU A 531 9.76 15.80 0.04
N GLU A 532 8.57 15.85 -0.57
CA GLU A 532 7.40 16.36 0.12
C GLU A 532 6.63 15.36 0.98
N VAL A 533 6.61 14.09 0.57
CA VAL A 533 5.85 13.09 1.33
C VAL A 533 6.62 11.84 1.72
N LEU A 534 7.40 11.31 0.79
CA LEU A 534 8.15 10.07 1.02
C LEU A 534 9.48 10.15 1.74
N LYS A 535 10.21 11.25 1.58
CA LYS A 535 11.51 11.41 2.23
C LYS A 535 11.52 10.97 3.70
N PRO A 536 10.60 11.52 4.52
CA PRO A 536 10.53 11.16 5.94
C PRO A 536 10.40 9.66 6.18
N HIS A 537 9.50 9.01 5.43
CA HIS A 537 9.28 7.58 5.56
C HIS A 537 10.51 6.78 5.20
N ILE A 538 11.15 7.17 4.09
CA ILE A 538 12.34 6.48 3.63
C ILE A 538 13.46 6.55 4.66
N ILE A 539 13.57 7.69 5.33
CA ILE A 539 14.60 7.86 6.36
C ILE A 539 14.29 6.98 7.56
N ASN A 540 13.03 7.00 7.99
CA ASN A 540 12.62 6.22 9.15
C ASN A 540 12.60 4.72 8.92
N LEU A 541 12.42 4.29 7.67
CA LEU A 541 12.39 2.87 7.37
C LEU A 541 13.69 2.30 6.85
N LEU A 542 14.44 3.09 6.08
CA LEU A 542 15.67 2.61 5.46
C LEU A 542 17.01 3.26 5.86
N VAL A 543 16.96 4.35 6.61
CA VAL A 543 18.20 4.99 7.02
C VAL A 543 18.45 4.85 8.52
N ASP A 544 17.58 5.43 9.33
CA ASP A 544 17.70 5.38 10.78
C ASP A 544 17.07 4.15 11.40
N SER A 545 17.82 3.50 12.29
CA SER A 545 17.30 2.33 13.00
C SER A 545 16.57 2.84 14.24
N ILE A 546 15.74 2.00 14.85
CA ILE A 546 15.04 2.41 16.05
C ILE A 546 16.04 2.26 17.18
N LYS A 547 16.31 3.33 17.92
CA LYS A 547 17.26 3.25 19.01
C LYS A 547 16.66 2.52 20.20
N ILE A 548 17.42 1.57 20.72
CA ILE A 548 16.99 0.75 21.85
C ILE A 548 17.41 1.38 23.17
MG MG B . -1.85 12.56 -12.75
MG MG C . 2.28 8.65 -19.08
MG MG D . 0.74 12.16 -16.70
C1 FHP E . 0.25 8.14 -13.73
C2 FHP E . 0.98 7.80 -12.33
C3 FHP E . 0.34 7.24 -11.23
C4 FHP E . 1.20 6.37 -10.27
C5 FHP E . 0.96 6.68 -8.73
C6 FHP E . 2.14 6.23 -7.80
C7 FHP E . 1.99 6.01 -6.45
C8 FHP E . 3.17 5.57 -5.62
C9 FHP E . 4.14 6.77 -5.34
C10 FHP E . 5.20 6.57 -4.24
C11 FHP E . 5.98 5.45 -4.21
C12 FHP E . 7.00 5.27 -3.14
C13 FHP E . 5.76 4.37 -5.21
C14 FHP E . 0.61 5.78 -5.90
C15 FHP E . -1.14 6.96 -11.31
O1 FHP E . -0.85 7.30 -14.11
O1A FHP E . -0.58 9.84 -15.54
O2A FHP E . -0.79 10.45 -13.13
O3A FHP E . 1.47 10.39 -14.20
PA FHP E . 0.08 9.91 -14.19
#